data_5X7E
#
_entry.id   5X7E
#
_cell.length_a   52.409
_cell.length_b   53.360
_cell.length_c   139.436
_cell.angle_alpha   90.00
_cell.angle_beta   90.00
_cell.angle_gamma   90.00
#
_symmetry.space_group_name_H-M   'P 21 21 21'
#
loop_
_entity.id
_entity.type
_entity.pdbx_description
1 polymer 'Vitamin D3 dihydroxylase'
2 non-polymer 'PROTOPORPHYRIN IX CONTAINING FE'
3 non-polymer '(1R,3S,5Z)-5-[(2E)-2-[(1R,3aS,7aR)-1-[(E,2R,5S)-5,6-dimethyl-6-oxidanyl-hept-3-en-2-yl]-7a-methyl-2,3,3a,5,6,7-hexahydr o-1H-inden-4-ylidene]ethylidene]-4-methylidene-cyclohexane-1,3-diol'
4 water water
#
_entity_poly.entity_id   1
_entity_poly.type   'polypeptide(L)'
_entity_poly.pdbx_seq_one_letter_code
;MTDTATTPQTTDAPAFPSNRSCPYQLPDGYAQLRDTPGPLHRVTLYDGRQAWVVTKHEAARKLLGDPRLSSNRTDDNFPA
TSPAFEAVRESPQAFIGLDPPEHGTRRRMTISEFTVKRIKGMRPEVEEVVHGFLDEMLAAGPTADLVSQFALPVPSMVIC
RLLGVPYADHEFFQDASKRLVQSTDAQSALTARNDLAGYLDGLITQFQTEPGAGLVGALVADQLANGEIDREELISTAML
LLIAGHETTASMTSLSVITLLDHPEQYAALRADRSLVPGAVEELLRYLAIADIAGGRVATADIEVEGQLIRAGEGVIVVN
SIANRDGTVYEDPDALDIHRSARHHLAFGFGVHQCLGQNLARLELEVILNALMDRVPTLRLAVPVEQLVLRPGTTIQGVN
ELPVTWHHHHHH
;
_entity_poly.pdbx_strand_id   A
#
# COMPACT_ATOMS: atom_id res chain seq x y z
N THR A 4 4.83 -42.34 0.22
CA THR A 4 4.67 -40.87 0.00
C THR A 4 3.21 -40.43 0.18
N ALA A 5 2.90 -39.20 -0.24
CA ALA A 5 1.53 -38.66 -0.18
C ALA A 5 0.59 -39.25 -1.25
N THR A 6 -0.21 -40.26 -0.85
CA THR A 6 -1.01 -41.08 -1.79
C THR A 6 -2.54 -40.78 -1.80
N THR A 7 -2.99 -39.92 -0.89
CA THR A 7 -4.41 -39.64 -0.65
C THR A 7 -4.79 -38.21 -1.09
N PRO A 8 -6.11 -37.86 -1.12
CA PRO A 8 -6.54 -36.53 -1.59
C PRO A 8 -5.81 -35.38 -0.89
N GLN A 9 -5.57 -34.28 -1.60
CA GLN A 9 -4.73 -33.19 -1.06
C GLN A 9 -5.50 -32.01 -0.50
N THR A 10 -6.82 -32.05 -0.62
CA THR A 10 -7.74 -31.04 -0.06
C THR A 10 -7.40 -30.70 1.37
N THR A 11 -7.42 -29.41 1.69
CA THR A 11 -7.12 -28.97 3.05
C THR A 11 -8.21 -28.01 3.52
N ASP A 12 -8.38 -27.83 4.82
CA ASP A 12 -9.26 -26.73 5.27
C ASP A 12 -8.45 -25.49 5.72
N ALA A 13 -7.13 -25.53 5.52
CA ALA A 13 -6.24 -24.39 5.81
C ALA A 13 -5.30 -24.13 4.62
N PRO A 14 -5.83 -23.59 3.51
CA PRO A 14 -5.08 -23.38 2.27
C PRO A 14 -3.84 -22.51 2.48
N ALA A 15 -2.83 -22.65 1.63
CA ALA A 15 -1.64 -21.83 1.78
C ALA A 15 -2.06 -20.39 1.53
N PHE A 16 -1.55 -19.50 2.38
CA PHE A 16 -1.83 -18.07 2.20
C PHE A 16 -0.52 -17.30 2.41
N PRO A 17 -0.28 -16.23 1.64
CA PRO A 17 -1.00 -15.62 0.49
C PRO A 17 -0.98 -16.44 -0.81
N SER A 18 -1.71 -15.97 -1.81
CA SER A 18 -1.77 -16.54 -3.15
C SER A 18 -1.40 -15.42 -4.08
N ASN A 19 -1.00 -15.78 -5.30
CA ASN A 19 -0.61 -14.76 -6.28
C ASN A 19 -1.73 -14.43 -7.21
N ARG A 20 -1.85 -13.15 -7.59
CA ARG A 20 -2.79 -12.83 -8.66
C ARG A 20 -2.32 -13.41 -10.01
N SER A 21 -3.29 -13.81 -10.83
CA SER A 21 -3.06 -14.25 -12.20
C SER A 21 -3.52 -13.17 -13.18
N CYS A 22 -4.46 -12.33 -12.74
CA CYS A 22 -4.95 -11.16 -13.49
C CYS A 22 -4.73 -9.95 -12.53
N PRO A 23 -4.23 -8.81 -13.05
CA PRO A 23 -3.83 -7.71 -12.17
C PRO A 23 -4.98 -7.19 -11.36
N TYR A 24 -6.20 -7.29 -11.89
CA TYR A 24 -7.38 -6.74 -11.22
C TYR A 24 -8.47 -7.76 -10.81
N GLN A 25 -8.08 -9.01 -10.63
CA GLN A 25 -9.03 -9.97 -10.10
C GLN A 25 -8.45 -10.67 -8.86
N LEU A 26 -9.30 -11.14 -7.96
CA LEU A 26 -8.84 -11.94 -6.84
C LEU A 26 -8.13 -13.20 -7.34
N PRO A 27 -7.05 -13.61 -6.67
CA PRO A 27 -6.54 -14.93 -7.00
C PRO A 27 -7.65 -15.94 -6.80
N ASP A 28 -7.66 -17.03 -7.59
CA ASP A 28 -8.70 -18.06 -7.39
C ASP A 28 -8.87 -18.48 -5.93
N GLY A 29 -7.79 -18.64 -5.18
CA GLY A 29 -7.92 -19.06 -3.77
C GLY A 29 -8.70 -18.04 -2.94
N TYR A 30 -8.52 -16.76 -3.26
CA TYR A 30 -9.15 -15.69 -2.52
C TYR A 30 -10.62 -15.62 -2.85
N ALA A 31 -10.95 -15.82 -4.12
CA ALA A 31 -12.36 -15.91 -4.56
C ALA A 31 -13.05 -17.05 -3.79
N GLN A 32 -12.30 -18.13 -3.58
CA GLN A 32 -12.84 -19.25 -2.80
C GLN A 32 -13.07 -18.82 -1.38
N LEU A 33 -12.12 -18.09 -0.79
CA LEU A 33 -12.36 -17.61 0.58
C LEU A 33 -13.54 -16.65 0.64
N ARG A 34 -13.69 -15.81 -0.39
CA ARG A 34 -14.74 -14.78 -0.38
C ARG A 34 -16.10 -15.49 -0.34
N ASP A 35 -16.18 -16.57 -1.11
CA ASP A 35 -17.44 -17.35 -1.25
C ASP A 35 -17.86 -18.14 0.02
N THR A 36 -16.89 -18.63 0.79
CA THR A 36 -17.21 -19.41 1.99
C THR A 36 -17.90 -18.57 3.08
N PRO A 37 -19.03 -19.07 3.59
CA PRO A 37 -19.72 -18.25 4.59
C PRO A 37 -18.91 -18.14 5.86
N GLY A 38 -19.14 -17.08 6.62
CA GLY A 38 -18.42 -16.87 7.87
C GLY A 38 -17.34 -15.81 7.73
N PRO A 39 -17.11 -15.07 8.80
CA PRO A 39 -16.18 -13.95 8.72
C PRO A 39 -14.70 -14.39 8.71
N LEU A 40 -14.41 -15.59 9.21
CA LEU A 40 -13.04 -16.09 9.33
C LEU A 40 -12.73 -17.38 8.58
N HIS A 41 -11.46 -17.57 8.25
CA HIS A 41 -11.03 -18.82 7.64
C HIS A 41 -9.59 -19.14 7.98
N ARG A 42 -9.33 -20.41 8.25
CA ARG A 42 -7.99 -20.85 8.56
C ARG A 42 -7.16 -20.86 7.31
N VAL A 43 -5.89 -20.53 7.47
CA VAL A 43 -4.93 -20.59 6.39
C VAL A 43 -3.62 -21.13 6.94
N THR A 44 -2.77 -21.60 6.03
CA THR A 44 -1.38 -22.00 6.37
C THR A 44 -0.35 -21.03 5.81
N LEU A 45 0.46 -20.47 6.70
CA LEU A 45 1.46 -19.51 6.31
C LEU A 45 2.69 -20.26 5.80
N TYR A 46 3.65 -19.51 5.26
CA TYR A 46 4.80 -20.08 4.53
C TYR A 46 5.56 -21.11 5.39
N ASP A 47 5.62 -20.88 6.70
CA ASP A 47 6.39 -21.76 7.61
C ASP A 47 5.58 -22.86 8.28
N GLY A 48 4.38 -23.14 7.75
CA GLY A 48 3.48 -24.12 8.34
C GLY A 48 2.56 -23.70 9.49
N ARG A 49 2.74 -22.50 10.06
CA ARG A 49 1.87 -22.07 11.16
C ARG A 49 0.46 -21.68 10.68
N GLN A 50 -0.55 -21.97 11.49
CA GLN A 50 -1.93 -21.65 11.13
C GLN A 50 -2.23 -20.21 11.53
N ALA A 51 -3.04 -19.51 10.75
CA ALA A 51 -3.51 -18.20 11.17
C ALA A 51 -4.92 -18.05 10.64
N TRP A 52 -5.60 -16.98 11.05
CA TRP A 52 -6.95 -16.69 10.56
C TRP A 52 -6.85 -15.59 9.51
N VAL A 53 -7.64 -15.68 8.44
CA VAL A 53 -7.92 -14.50 7.58
C VAL A 53 -9.38 -14.05 7.76
N VAL A 54 -9.61 -12.75 7.66
CA VAL A 54 -10.92 -12.18 7.80
C VAL A 54 -11.35 -11.91 6.37
N THR A 55 -12.54 -12.39 5.99
CA THR A 55 -12.92 -12.45 4.58
C THR A 55 -14.27 -11.77 4.25
N LYS A 56 -14.85 -11.05 5.21
CA LYS A 56 -16.11 -10.33 4.98
C LYS A 56 -15.90 -8.93 5.46
N HIS A 57 -16.70 -8.02 4.91
CA HIS A 57 -16.45 -6.61 5.04
C HIS A 57 -16.77 -6.06 6.44
N GLU A 58 -17.97 -6.34 6.99
CA GLU A 58 -18.31 -5.75 8.30
C GLU A 58 -17.42 -6.36 9.39
N ALA A 59 -17.14 -7.66 9.28
CA ALA A 59 -16.26 -8.33 10.25
C ALA A 59 -14.82 -7.80 10.14
N ALA A 60 -14.38 -7.47 8.91
CA ALA A 60 -13.08 -6.74 8.79
C ALA A 60 -13.06 -5.40 9.55
N ARG A 61 -14.07 -4.55 9.39
CA ARG A 61 -14.08 -3.30 10.19
C ARG A 61 -14.12 -3.53 11.70
N LYS A 62 -14.91 -4.52 12.12
CA LYS A 62 -15.08 -4.82 13.54
C LYS A 62 -13.72 -5.25 14.12
N LEU A 63 -13.00 -6.10 13.40
CA LEU A 63 -11.76 -6.64 13.91
C LEU A 63 -10.65 -5.58 13.85
N LEU A 64 -10.63 -4.78 12.79
CA LEU A 64 -9.65 -3.71 12.69
C LEU A 64 -9.90 -2.66 13.77
N GLY A 65 -11.16 -2.50 14.19
CA GLY A 65 -11.48 -1.57 15.30
C GLY A 65 -11.25 -2.16 16.70
N ASP A 66 -10.96 -3.46 16.83
CA ASP A 66 -10.97 -4.09 18.17
C ASP A 66 -9.56 -3.96 18.78
N PRO A 67 -9.42 -3.26 19.93
CA PRO A 67 -8.03 -3.15 20.38
C PRO A 67 -7.40 -4.47 20.94
N ARG A 68 -8.17 -5.56 21.05
CA ARG A 68 -7.57 -6.86 21.37
C ARG A 68 -6.77 -7.46 20.22
N LEU A 69 -6.91 -6.90 19.01
CA LEU A 69 -6.05 -7.32 17.88
C LEU A 69 -4.89 -6.31 17.75
N SER A 70 -3.71 -6.72 18.23
CA SER A 70 -2.53 -5.86 18.34
C SER A 70 -1.80 -5.78 17.01
N SER A 71 -1.23 -4.62 16.70
CA SER A 71 -0.42 -4.45 15.50
C SER A 71 1.10 -4.69 15.73
N ASN A 72 1.47 -5.21 16.92
CA ASN A 72 2.90 -5.37 17.28
C ASN A 72 3.63 -6.43 16.45
N ARG A 73 4.44 -6.00 15.49
CA ARG A 73 5.12 -6.92 14.61
C ARG A 73 6.24 -7.68 15.31
N THR A 74 6.64 -7.21 16.51
CA THR A 74 7.70 -7.86 17.30
C THR A 74 7.19 -9.01 18.15
N ASP A 75 5.87 -9.14 18.26
CA ASP A 75 5.24 -10.29 18.92
C ASP A 75 5.61 -11.59 18.23
N ASP A 76 5.98 -12.60 19.02
CA ASP A 76 6.32 -13.95 18.52
C ASP A 76 5.27 -14.56 17.61
N ASN A 77 4.00 -14.28 17.93
CA ASN A 77 2.89 -14.83 17.19
C ASN A 77 2.32 -13.95 16.10
N PHE A 78 2.97 -12.83 15.82
CA PHE A 78 2.54 -12.04 14.66
C PHE A 78 2.60 -12.85 13.34
N PRO A 79 1.54 -12.78 12.51
CA PRO A 79 1.54 -13.64 11.33
C PRO A 79 2.50 -13.21 10.21
N ALA A 80 3.73 -13.69 10.31
CA ALA A 80 4.72 -13.61 9.22
C ALA A 80 4.25 -14.27 7.91
N THR A 81 4.21 -13.52 6.82
CA THR A 81 3.76 -14.10 5.56
C THR A 81 4.87 -14.57 4.64
N SER A 82 6.10 -14.15 4.94
CA SER A 82 7.24 -14.59 4.17
C SER A 82 8.47 -14.55 5.07
N PRO A 83 9.57 -15.25 4.68
CA PRO A 83 10.81 -15.19 5.48
C PRO A 83 11.31 -13.75 5.66
N ALA A 84 11.11 -12.90 4.66
CA ALA A 84 11.51 -11.50 4.72
C ALA A 84 11.01 -10.76 5.96
N PHE A 85 9.85 -11.19 6.46
CA PHE A 85 9.21 -10.54 7.58
C PHE A 85 10.12 -10.49 8.81
N GLU A 86 10.93 -11.55 9.00
CA GLU A 86 11.89 -11.65 10.10
C GLU A 86 12.71 -10.38 10.32
N ALA A 87 13.01 -9.68 9.23
CA ALA A 87 13.64 -8.36 9.31
C ALA A 87 12.86 -7.38 10.21
N VAL A 88 11.56 -7.21 9.94
CA VAL A 88 10.66 -6.32 10.70
C VAL A 88 10.51 -6.77 12.15
N ARG A 89 10.31 -8.08 12.34
CA ARG A 89 10.26 -8.68 13.69
C ARG A 89 11.44 -8.27 14.57
N GLU A 90 12.62 -8.06 13.98
CA GLU A 90 13.83 -7.77 14.77
C GLU A 90 14.35 -6.34 14.66
N SER A 91 13.70 -5.51 13.84
CA SER A 91 14.08 -4.10 13.71
C SER A 91 13.15 -3.20 14.54
N PRO A 92 13.59 -1.97 14.90
CA PRO A 92 12.64 -1.10 15.63
C PRO A 92 11.42 -0.65 14.79
N GLN A 93 10.41 -0.13 15.46
CA GLN A 93 9.09 -0.06 14.85
C GLN A 93 8.64 1.35 14.72
N ALA A 94 8.16 1.68 13.53
CA ALA A 94 7.43 2.90 13.31
C ALA A 94 6.01 2.68 13.87
N PHE A 95 5.21 3.76 13.92
CA PHE A 95 3.89 3.69 14.53
C PHE A 95 2.87 2.71 13.92
N ILE A 96 3.12 2.25 12.70
CA ILE A 96 2.27 1.23 12.05
C ILE A 96 2.27 -0.05 12.92
N GLY A 97 3.34 -0.24 13.70
CA GLY A 97 3.48 -1.42 14.55
C GLY A 97 3.21 -1.16 16.04
N LEU A 98 2.72 0.01 16.36
CA LEU A 98 2.39 0.35 17.77
C LEU A 98 0.90 0.26 18.00
N ASP A 99 0.52 0.14 19.29
CA ASP A 99 -0.88 0.15 19.73
C ASP A 99 -1.10 1.40 20.60
N PRO A 100 -2.38 1.86 20.76
CA PRO A 100 -2.70 2.97 21.65
C PRO A 100 -2.25 2.59 23.03
N PRO A 101 -1.71 3.54 23.82
CA PRO A 101 -1.54 4.97 23.63
C PRO A 101 -0.28 5.40 22.82
N GLU A 102 0.74 4.54 22.70
CA GLU A 102 2.01 4.92 22.05
C GLU A 102 1.80 5.25 20.57
N HIS A 103 0.99 4.42 19.89
CA HIS A 103 0.61 4.67 18.49
C HIS A 103 0.28 6.14 18.25
N GLY A 104 -0.66 6.66 19.04
CA GLY A 104 -1.16 8.01 18.86
C GLY A 104 -0.12 9.09 19.08
N THR A 105 0.73 8.93 20.08
CA THR A 105 1.73 9.96 20.37
C THR A 105 2.71 10.08 19.19
N ARG A 106 3.04 8.95 18.55
CA ARG A 106 3.90 9.02 17.35
C ARG A 106 3.19 9.45 16.06
N ARG A 107 2.01 8.87 15.78
CA ARG A 107 1.25 9.31 14.60
C ARG A 107 0.96 10.83 14.61
N ARG A 108 0.60 11.41 15.77
CA ARG A 108 0.31 12.86 15.84
C ARG A 108 1.52 13.71 15.56
N MET A 109 2.73 13.14 15.63
CA MET A 109 3.92 13.92 15.23
C MET A 109 3.97 14.14 13.72
N THR A 110 3.25 13.32 12.96
CA THR A 110 3.31 13.38 11.51
C THR A 110 2.06 13.96 10.82
N ILE A 111 0.96 14.08 11.56
CA ILE A 111 -0.35 14.31 10.89
C ILE A 111 -0.44 15.63 10.17
N SER A 112 0.33 16.63 10.64
CA SER A 112 0.22 18.00 10.12
C SER A 112 0.57 18.12 8.64
N GLU A 113 1.34 17.17 8.15
CA GLU A 113 1.70 17.19 6.75
C GLU A 113 0.63 16.59 5.84
N PHE A 114 -0.38 15.95 6.41
CA PHE A 114 -1.32 15.19 5.60
C PHE A 114 -2.76 15.69 5.74
N THR A 115 -2.96 16.86 6.37
CA THR A 115 -4.32 17.39 6.59
C THR A 115 -4.98 17.74 5.26
N VAL A 116 -6.30 17.81 5.23
CA VAL A 116 -7.00 18.26 4.00
C VAL A 116 -6.48 19.60 3.47
N LYS A 117 -6.28 20.54 4.36
CA LYS A 117 -5.71 21.84 3.96
C LYS A 117 -4.28 21.75 3.35
N ARG A 118 -3.39 20.96 3.95
CA ARG A 118 -2.05 20.78 3.37
C ARG A 118 -2.12 20.09 2.00
N ILE A 119 -3.03 19.14 1.86
CA ILE A 119 -3.15 18.38 0.61
C ILE A 119 -3.70 19.31 -0.48
N LYS A 120 -4.68 20.13 -0.15
CA LYS A 120 -5.16 21.14 -1.10
C LYS A 120 -4.02 22.03 -1.56
N GLY A 121 -3.25 22.52 -0.60
CA GLY A 121 -2.10 23.36 -0.91
C GLY A 121 -1.03 22.65 -1.75
N MET A 122 -1.05 21.32 -1.82
CA MET A 122 -0.02 20.60 -2.56
C MET A 122 -0.44 20.40 -4.01
N ARG A 123 -1.69 20.66 -4.33
CA ARG A 123 -2.16 20.39 -5.70
C ARG A 123 -1.27 21.01 -6.83
N PRO A 124 -0.91 22.32 -6.71
CA PRO A 124 -0.01 22.90 -7.75
C PRO A 124 1.28 22.14 -7.91
N GLU A 125 1.87 21.75 -6.80
CA GLU A 125 3.10 21.03 -6.83
C GLU A 125 2.94 19.66 -7.49
N VAL A 126 1.86 18.95 -7.12
CA VAL A 126 1.63 17.59 -7.64
C VAL A 126 1.38 17.69 -9.16
N GLU A 127 0.56 18.67 -9.58
CA GLU A 127 0.33 18.83 -11.03
C GLU A 127 1.64 19.17 -11.75
N GLU A 128 2.48 19.98 -11.13
CA GLU A 128 3.74 20.36 -11.78
C GLU A 128 4.64 19.15 -11.97
N VAL A 129 4.73 18.29 -10.95
CA VAL A 129 5.59 17.11 -11.03
C VAL A 129 5.06 16.09 -12.06
N VAL A 130 3.74 15.92 -12.05
CA VAL A 130 3.09 14.97 -12.97
C VAL A 130 3.33 15.43 -14.43
N HIS A 131 3.05 16.70 -14.72
CA HIS A 131 3.18 17.26 -16.10
C HIS A 131 4.65 17.34 -16.50
N GLY A 132 5.47 17.61 -15.49
CA GLY A 132 6.93 17.52 -15.63
C GLY A 132 7.40 16.18 -16.17
N PHE A 133 7.08 15.09 -15.46
CA PHE A 133 7.51 13.78 -15.91
C PHE A 133 6.86 13.36 -17.24
N LEU A 134 5.64 13.84 -17.51
CA LEU A 134 5.00 13.55 -18.80
C LEU A 134 5.63 14.30 -19.93
N ASP A 135 5.89 15.58 -19.76
CA ASP A 135 6.52 16.24 -20.88
C ASP A 135 7.89 15.65 -21.19
N GLU A 136 8.60 15.12 -20.20
CA GLU A 136 9.85 14.39 -20.46
C GLU A 136 9.61 13.11 -21.24
N MET A 137 8.71 12.27 -20.73
CA MET A 137 8.37 10.98 -21.38
C MET A 137 7.82 11.17 -22.79
N LEU A 138 7.02 12.22 -22.99
CA LEU A 138 6.39 12.51 -24.28
C LEU A 138 7.38 13.17 -25.23
N ALA A 139 8.25 14.03 -24.72
CA ALA A 139 9.26 14.66 -25.59
C ALA A 139 10.10 13.58 -26.29
N ALA A 140 10.40 12.52 -25.53
CA ALA A 140 11.26 11.42 -25.93
C ALA A 140 10.63 10.42 -26.91
N GLY A 141 9.32 10.28 -26.86
CA GLY A 141 8.65 9.39 -27.81
C GLY A 141 8.57 7.94 -27.35
N PRO A 142 7.55 7.21 -27.85
CA PRO A 142 7.29 5.84 -27.43
C PRO A 142 8.31 4.96 -28.10
N THR A 143 8.55 3.75 -27.59
CA THR A 143 7.93 3.17 -26.40
C THR A 143 8.57 3.61 -25.08
N ALA A 144 7.83 3.45 -23.97
CA ALA A 144 8.38 3.76 -22.64
C ALA A 144 7.98 2.71 -21.58
N ASP A 145 8.74 2.60 -20.50
CA ASP A 145 8.29 1.81 -19.37
C ASP A 145 7.56 2.78 -18.46
N LEU A 146 6.23 2.69 -18.36
CA LEU A 146 5.51 3.69 -17.58
C LEU A 146 5.94 3.61 -16.11
N VAL A 147 6.36 2.47 -15.64
CA VAL A 147 6.72 2.37 -14.19
C VAL A 147 7.96 3.28 -13.87
N SER A 148 9.08 3.01 -14.52
CA SER A 148 10.28 3.79 -14.25
C SER A 148 10.25 5.23 -14.77
N GLN A 149 9.47 5.53 -15.83
CA GLN A 149 9.48 6.90 -16.36
C GLN A 149 8.40 7.79 -15.77
N PHE A 150 7.47 7.22 -15.01
CA PHE A 150 6.33 8.00 -14.60
C PHE A 150 5.72 7.55 -13.27
N ALA A 151 5.31 6.28 -13.19
CA ALA A 151 4.56 5.79 -12.02
C ALA A 151 5.35 5.92 -10.72
N LEU A 152 6.62 5.52 -10.73
CA LEU A 152 7.49 5.64 -9.56
C LEU A 152 8.01 7.06 -9.28
N PRO A 153 8.65 7.71 -10.29
CA PRO A 153 9.28 9.01 -9.91
C PRO A 153 8.30 10.12 -9.48
N VAL A 154 7.06 10.11 -9.98
CA VAL A 154 6.09 11.09 -9.51
C VAL A 154 5.87 11.07 -7.98
N PRO A 155 5.36 9.93 -7.43
CA PRO A 155 5.10 9.99 -5.99
C PRO A 155 6.41 10.06 -5.16
N SER A 156 7.52 9.62 -5.75
CA SER A 156 8.83 9.71 -5.10
C SER A 156 9.24 11.17 -4.91
N MET A 157 9.14 11.95 -6.00
CA MET A 157 9.44 13.35 -5.88
C MET A 157 8.55 14.08 -4.87
N VAL A 158 7.25 13.79 -4.93
CA VAL A 158 6.30 14.44 -4.02
C VAL A 158 6.60 14.06 -2.53
N ILE A 159 6.73 12.78 -2.24
CA ILE A 159 6.98 12.41 -0.85
C ILE A 159 8.35 12.92 -0.38
N CYS A 160 9.37 12.91 -1.26
CA CYS A 160 10.70 13.42 -0.83
C CYS A 160 10.58 14.87 -0.35
N ARG A 161 9.84 15.68 -1.11
CA ARG A 161 9.58 17.08 -0.74
C ARG A 161 8.84 17.22 0.57
N LEU A 162 7.85 16.38 0.78
CA LEU A 162 7.12 16.47 2.03
C LEU A 162 8.05 16.16 3.21
N LEU A 163 8.95 15.17 3.02
CA LEU A 163 9.79 14.67 4.11
C LEU A 163 11.05 15.49 4.33
N GLY A 164 11.48 16.21 3.28
CA GLY A 164 12.73 16.94 3.31
C GLY A 164 13.93 16.05 3.00
N VAL A 165 13.69 15.00 2.22
CA VAL A 165 14.69 14.06 1.73
C VAL A 165 15.09 14.55 0.35
N PRO A 166 16.41 14.75 0.09
CA PRO A 166 16.81 15.34 -1.19
C PRO A 166 16.53 14.42 -2.35
N TYR A 167 15.81 14.93 -3.35
CA TYR A 167 15.55 14.13 -4.54
C TYR A 167 16.85 13.80 -5.28
N ALA A 168 17.91 14.60 -5.14
CA ALA A 168 19.19 14.22 -5.76
C ALA A 168 19.57 12.77 -5.45
N ASP A 169 19.08 12.24 -4.33
CA ASP A 169 19.44 10.90 -3.88
C ASP A 169 18.51 9.77 -4.34
N HIS A 170 17.64 10.06 -5.31
CA HIS A 170 16.54 9.16 -5.67
C HIS A 170 16.94 7.76 -6.16
N GLU A 171 18.04 7.63 -6.90
CA GLU A 171 18.39 6.29 -7.38
C GLU A 171 18.68 5.34 -6.22
N PHE A 172 19.41 5.85 -5.25
CA PHE A 172 19.77 5.06 -4.08
C PHE A 172 18.54 4.66 -3.25
N PHE A 173 17.72 5.62 -2.84
CA PHE A 173 16.58 5.20 -1.98
C PHE A 173 15.41 4.50 -2.71
N GLN A 174 15.21 4.79 -4.01
CA GLN A 174 14.16 4.06 -4.77
C GLN A 174 14.58 2.59 -4.90
N ASP A 175 15.87 2.39 -5.20
CA ASP A 175 16.40 1.02 -5.23
C ASP A 175 16.23 0.29 -3.90
N ALA A 176 16.61 0.96 -2.81
CA ALA A 176 16.53 0.37 -1.48
C ALA A 176 15.07 0.11 -1.09
N SER A 177 14.17 1.03 -1.47
CA SER A 177 12.73 0.88 -1.15
C SER A 177 12.22 -0.40 -1.83
N LYS A 178 12.51 -0.53 -3.11
CA LYS A 178 12.07 -1.72 -3.86
C LYS A 178 12.58 -3.02 -3.22
N ARG A 179 13.88 -3.07 -2.93
CA ARG A 179 14.51 -4.27 -2.36
C ARG A 179 13.91 -4.59 -1.01
N LEU A 180 13.62 -3.57 -0.21
CA LEU A 180 13.04 -3.85 1.07
C LEU A 180 11.65 -4.44 0.90
N VAL A 181 10.79 -3.74 0.15
CA VAL A 181 9.37 -4.13 0.02
C VAL A 181 9.18 -5.42 -0.75
N GLN A 182 10.05 -5.70 -1.69
CA GLN A 182 9.92 -6.89 -2.53
C GLN A 182 10.89 -7.99 -2.13
N SER A 183 11.65 -7.79 -1.05
CA SER A 183 12.52 -8.85 -0.48
C SER A 183 11.77 -10.16 -0.18
N THR A 184 12.43 -11.28 -0.52
CA THR A 184 11.89 -12.62 -0.28
C THR A 184 12.64 -13.38 0.83
N ASP A 185 13.78 -12.87 1.29
CA ASP A 185 14.47 -13.47 2.44
C ASP A 185 14.71 -12.46 3.58
N ALA A 186 15.06 -12.90 4.79
CA ALA A 186 15.41 -11.93 5.86
C ALA A 186 16.67 -11.09 5.55
N GLN A 187 17.68 -11.68 4.92
CA GLN A 187 18.97 -10.99 4.78
C GLN A 187 18.92 -9.84 3.77
N SER A 188 18.32 -10.11 2.61
CA SER A 188 18.00 -9.06 1.65
C SER A 188 17.19 -7.90 2.28
N ALA A 189 16.18 -8.22 3.09
CA ALA A 189 15.37 -7.16 3.72
C ALA A 189 16.22 -6.35 4.70
N LEU A 190 17.01 -7.07 5.51
CA LEU A 190 17.84 -6.41 6.50
C LEU A 190 18.84 -5.48 5.86
N THR A 191 19.43 -5.90 4.74
CA THR A 191 20.45 -5.11 4.08
C THR A 191 19.82 -3.83 3.58
N ALA A 192 18.68 -3.95 2.90
CA ALA A 192 17.98 -2.79 2.33
C ALA A 192 17.53 -1.89 3.45
N ARG A 193 17.00 -2.44 4.53
CA ARG A 193 16.69 -1.63 5.68
C ARG A 193 17.91 -0.92 6.29
N ASN A 194 19.04 -1.64 6.40
CA ASN A 194 20.25 -0.96 6.93
C ASN A 194 20.75 0.14 6.02
N ASP A 195 20.63 -0.05 4.71
CA ASP A 195 21.00 0.98 3.75
C ASP A 195 20.19 2.25 3.97
N LEU A 196 18.87 2.12 4.07
CA LEU A 196 18.00 3.28 4.29
C LEU A 196 18.26 3.92 5.61
N ALA A 197 18.44 3.11 6.65
CA ALA A 197 18.67 3.63 8.00
C ALA A 197 19.93 4.52 8.08
N GLY A 198 21.01 4.07 7.46
CA GLY A 198 22.25 4.82 7.47
C GLY A 198 22.06 6.12 6.73
N TYR A 199 21.44 6.06 5.57
CA TYR A 199 21.18 7.28 4.81
C TYR A 199 20.33 8.28 5.63
N LEU A 200 19.29 7.75 6.27
CA LEU A 200 18.40 8.60 7.06
C LEU A 200 19.10 9.15 8.28
N ASP A 201 19.94 8.34 8.89
CA ASP A 201 20.66 8.80 10.08
C ASP A 201 21.61 9.98 9.78
N GLY A 202 22.27 9.95 8.62
CA GLY A 202 23.14 11.05 8.18
C GLY A 202 22.33 12.32 7.96
N LEU A 203 21.14 12.14 7.38
CA LEU A 203 20.23 13.26 7.13
C LEU A 203 19.85 13.97 8.41
N ILE A 204 19.54 13.21 9.48
CA ILE A 204 19.22 13.77 10.80
C ILE A 204 20.33 14.65 11.43
N THR A 205 21.56 14.18 11.37
CA THR A 205 22.69 14.89 11.98
C THR A 205 22.90 16.21 11.21
N GLN A 206 22.81 16.13 9.89
CA GLN A 206 22.76 17.33 9.03
C GLN A 206 21.74 18.40 9.46
N PHE A 207 20.51 17.99 9.74
CA PHE A 207 19.49 18.89 10.22
C PHE A 207 19.75 19.44 11.62
N GLN A 208 20.49 18.69 12.45
CA GLN A 208 20.83 19.19 13.80
C GLN A 208 21.87 20.33 13.71
N THR A 209 22.65 20.28 12.63
CA THR A 209 23.61 21.33 12.33
C THR A 209 22.91 22.51 11.68
N GLU A 210 22.07 22.17 10.68
CA GLU A 210 21.45 23.16 9.84
C GLU A 210 19.98 22.80 9.67
N PRO A 211 19.12 23.39 10.52
CA PRO A 211 17.71 23.07 10.49
C PRO A 211 17.24 23.10 9.06
N GLY A 212 16.35 22.19 8.72
CA GLY A 212 15.87 22.09 7.35
C GLY A 212 14.37 21.97 7.23
N ALA A 213 13.91 22.09 5.99
CA ALA A 213 12.50 22.00 5.64
C ALA A 213 12.08 20.54 5.66
N GLY A 214 10.78 20.34 5.67
CA GLY A 214 10.18 19.01 5.51
C GLY A 214 9.92 18.34 6.85
N LEU A 215 9.20 17.23 6.83
CA LEU A 215 8.78 16.60 8.05
C LEU A 215 9.97 16.08 8.88
N VAL A 216 10.97 15.53 8.20
CA VAL A 216 12.15 15.01 8.93
C VAL A 216 12.84 16.20 9.62
N GLY A 217 12.92 17.34 8.92
CA GLY A 217 13.47 18.59 9.51
C GLY A 217 12.74 19.03 10.77
N ALA A 218 11.41 19.01 10.71
CA ALA A 218 10.55 19.41 11.84
C ALA A 218 10.67 18.45 13.02
N LEU A 219 10.63 17.16 12.73
CA LEU A 219 10.85 16.16 13.78
C LEU A 219 12.22 16.29 14.49
N VAL A 220 13.25 16.54 13.72
CA VAL A 220 14.60 16.78 14.29
C VAL A 220 14.63 18.02 15.20
N ALA A 221 14.03 19.11 14.72
CA ALA A 221 14.09 20.39 15.45
C ALA A 221 13.19 20.41 16.67
N ASP A 222 12.08 19.67 16.64
CA ASP A 222 11.17 19.73 17.76
C ASP A 222 11.22 18.46 18.62
N GLN A 223 10.54 17.40 18.20
CA GLN A 223 10.36 16.22 19.05
C GLN A 223 11.67 15.60 19.45
N LEU A 224 12.61 15.45 18.53
CA LEU A 224 13.92 14.81 18.81
C LEU A 224 14.70 15.66 19.83
N ALA A 225 14.76 16.99 19.60
CA ALA A 225 15.44 17.90 20.56
C ALA A 225 14.80 17.88 21.93
N ASN A 226 13.50 17.58 22.01
CA ASN A 226 12.81 17.42 23.32
C ASN A 226 12.84 16.02 23.89
N GLY A 227 13.44 15.09 23.17
CA GLY A 227 13.57 13.72 23.67
C GLY A 227 12.22 13.02 23.65
N GLU A 228 11.29 13.49 22.82
CA GLU A 228 9.96 12.89 22.74
C GLU A 228 9.86 11.79 21.68
N ILE A 229 10.86 11.73 20.83
CA ILE A 229 11.07 10.58 19.93
C ILE A 229 12.55 10.22 20.02
N ASP A 230 12.84 8.92 20.03
CA ASP A 230 14.21 8.43 19.95
C ASP A 230 14.72 8.58 18.51
N ARG A 231 16.03 8.79 18.35
CA ARG A 231 16.63 8.90 17.01
C ARG A 231 16.32 7.68 16.09
N GLU A 232 16.37 6.47 16.66
CA GLU A 232 16.00 5.24 15.92
C GLU A 232 14.53 5.19 15.53
N GLU A 233 13.66 5.68 16.41
CA GLU A 233 12.24 5.78 16.05
C GLU A 233 12.03 6.79 14.94
N LEU A 234 12.80 7.88 14.95
CA LEU A 234 12.68 8.89 13.88
C LEU A 234 13.07 8.27 12.54
N ILE A 235 14.16 7.52 12.55
CA ILE A 235 14.58 6.83 11.36
C ILE A 235 13.50 5.87 10.80
N SER A 236 12.88 5.10 11.69
CA SER A 236 11.85 4.13 11.31
C SER A 236 10.63 4.89 10.80
N THR A 237 10.31 5.99 11.45
CA THR A 237 9.14 6.75 11.02
C THR A 237 9.36 7.32 9.62
N ALA A 238 10.50 7.97 9.41
CA ALA A 238 10.81 8.52 8.10
C ALA A 238 10.82 7.42 7.07
N MET A 239 11.36 6.26 7.42
CA MET A 239 11.43 5.16 6.45
C MET A 239 10.02 4.66 6.07
N LEU A 240 9.18 4.50 7.07
CA LEU A 240 7.77 4.19 6.81
C LEU A 240 7.14 5.16 5.80
N LEU A 241 7.24 6.47 6.02
CA LEU A 241 6.59 7.45 5.13
C LEU A 241 7.23 7.47 3.76
N LEU A 242 8.54 7.30 3.76
CA LEU A 242 9.27 7.27 2.48
C LEU A 242 8.84 6.10 1.60
N ILE A 243 8.87 4.92 2.18
CA ILE A 243 8.49 3.71 1.43
C ILE A 243 7.01 3.72 1.07
N ALA A 244 6.15 4.02 2.05
CA ALA A 244 4.70 4.06 1.80
C ALA A 244 4.37 5.09 0.73
N GLY A 245 5.02 6.26 0.80
CA GLY A 245 4.84 7.30 -0.18
C GLY A 245 5.27 6.95 -1.60
N HIS A 246 6.31 6.13 -1.75
CA HIS A 246 6.82 5.67 -3.06
C HIS A 246 5.90 4.58 -3.64
N GLU A 247 5.84 3.49 -2.89
CA GLU A 247 5.50 2.21 -3.51
C GLU A 247 4.00 2.07 -3.77
N THR A 248 3.18 2.68 -2.91
CA THR A 248 1.72 2.50 -2.97
C THR A 248 1.12 3.22 -4.21
N THR A 249 1.31 4.53 -4.29
CA THR A 249 0.78 5.31 -5.39
C THR A 249 1.32 4.79 -6.72
N ALA A 250 2.61 4.49 -6.76
CA ALA A 250 3.19 3.97 -8.02
C ALA A 250 2.46 2.70 -8.49
N SER A 251 2.16 1.79 -7.54
CA SER A 251 1.46 0.55 -7.83
C SER A 251 0.06 0.82 -8.31
N MET A 252 -0.66 1.74 -7.64
CA MET A 252 -2.00 2.15 -8.10
C MET A 252 -2.03 2.73 -9.53
N THR A 253 -1.03 3.54 -9.86
CA THR A 253 -0.99 4.20 -11.15
C THR A 253 -0.88 3.17 -12.28
N SER A 254 0.10 2.27 -12.18
CA SER A 254 0.32 1.26 -13.23
C SER A 254 -0.87 0.31 -13.32
N LEU A 255 -1.36 -0.20 -12.19
CA LEU A 255 -2.53 -1.10 -12.21
C LEU A 255 -3.81 -0.41 -12.70
N SER A 256 -3.97 0.88 -12.38
CA SER A 256 -5.13 1.61 -12.85
C SER A 256 -5.11 1.80 -14.37
N VAL A 257 -3.92 2.04 -14.90
CA VAL A 257 -3.78 2.17 -16.37
C VAL A 257 -4.14 0.85 -17.00
N ILE A 258 -3.57 -0.23 -16.49
CA ILE A 258 -3.88 -1.54 -17.05
C ILE A 258 -5.41 -1.82 -16.97
N THR A 259 -5.98 -1.56 -15.78
CA THR A 259 -7.36 -1.91 -15.56
C THR A 259 -8.27 -1.05 -16.47
N LEU A 260 -8.00 0.25 -16.55
CA LEU A 260 -8.84 1.13 -17.32
C LEU A 260 -8.77 0.81 -18.82
N LEU A 261 -7.57 0.47 -19.29
CA LEU A 261 -7.43 0.10 -20.71
C LEU A 261 -8.16 -1.19 -21.02
N ASP A 262 -8.28 -2.07 -20.02
CA ASP A 262 -9.19 -3.22 -20.17
C ASP A 262 -10.67 -3.00 -20.02
N HIS A 263 -11.10 -1.82 -19.59
CA HIS A 263 -12.55 -1.50 -19.57
C HIS A 263 -12.73 -0.23 -20.39
N PRO A 264 -12.54 -0.31 -21.73
CA PRO A 264 -12.52 0.90 -22.51
C PRO A 264 -13.81 1.74 -22.43
N GLU A 265 -14.98 1.12 -22.25
CA GLU A 265 -16.22 1.90 -22.19
C GLU A 265 -16.18 2.80 -20.93
N GLN A 266 -15.71 2.25 -19.83
CA GLN A 266 -15.61 3.13 -18.67
C GLN A 266 -14.50 4.17 -18.73
N TYR A 267 -13.36 3.83 -19.32
CA TYR A 267 -12.30 4.84 -19.48
C TYR A 267 -12.83 5.98 -20.36
N ALA A 268 -13.61 5.62 -21.37
CA ALA A 268 -14.18 6.67 -22.25
C ALA A 268 -15.15 7.58 -21.54
N ALA A 269 -15.98 7.00 -20.68
CA ALA A 269 -16.91 7.75 -19.86
C ALA A 269 -16.14 8.73 -18.96
N LEU A 270 -15.06 8.22 -18.38
CA LEU A 270 -14.21 8.99 -17.49
C LEU A 270 -13.63 10.20 -18.22
N ARG A 271 -13.10 9.99 -19.42
CA ARG A 271 -12.50 11.11 -20.16
C ARG A 271 -13.53 12.21 -20.49
N ALA A 272 -14.75 11.75 -20.81
CA ALA A 272 -15.86 12.59 -21.24
C ALA A 272 -16.51 13.33 -20.08
N ASP A 273 -16.29 12.86 -18.86
CA ASP A 273 -16.77 13.64 -17.73
C ASP A 273 -15.81 13.55 -16.56
N ARG A 274 -15.02 14.60 -16.37
CA ARG A 274 -13.94 14.60 -15.37
C ARG A 274 -14.45 14.73 -13.94
N SER A 275 -15.71 15.12 -13.77
CA SER A 275 -16.27 15.14 -12.42
C SER A 275 -16.42 13.72 -11.88
N LEU A 276 -16.35 12.73 -12.76
CA LEU A 276 -16.37 11.32 -12.34
C LEU A 276 -15.02 10.77 -11.79
N VAL A 277 -13.92 11.51 -11.97
CA VAL A 277 -12.60 11.03 -11.55
C VAL A 277 -12.47 10.69 -10.05
N PRO A 278 -12.95 11.57 -9.13
CA PRO A 278 -12.82 11.19 -7.71
C PRO A 278 -13.56 9.88 -7.37
N GLY A 279 -14.75 9.68 -7.94
CA GLY A 279 -15.48 8.42 -7.73
C GLY A 279 -14.74 7.26 -8.39
N ALA A 280 -14.16 7.49 -9.57
CA ALA A 280 -13.44 6.39 -10.25
C ALA A 280 -12.22 6.02 -9.46
N VAL A 281 -11.53 7.02 -8.92
CA VAL A 281 -10.40 6.69 -7.99
C VAL A 281 -10.81 5.79 -6.83
N GLU A 282 -11.93 6.12 -6.17
CA GLU A 282 -12.38 5.26 -5.09
C GLU A 282 -12.67 3.83 -5.55
N GLU A 283 -13.34 3.72 -6.69
CA GLU A 283 -13.66 2.39 -7.25
C GLU A 283 -12.35 1.64 -7.60
N LEU A 284 -11.37 2.32 -8.19
CA LEU A 284 -10.09 1.64 -8.50
C LEU A 284 -9.40 1.18 -7.21
N LEU A 285 -9.48 2.02 -6.16
CA LEU A 285 -8.88 1.67 -4.85
C LEU A 285 -9.54 0.40 -4.32
N ARG A 286 -10.88 0.40 -4.32
CA ARG A 286 -11.66 -0.75 -3.88
C ARG A 286 -11.31 -2.03 -4.63
N TYR A 287 -11.26 -1.90 -5.95
CA TYR A 287 -11.10 -3.03 -6.85
C TYR A 287 -9.68 -3.58 -6.92
N LEU A 288 -8.67 -2.71 -6.82
CA LEU A 288 -7.26 -3.14 -6.99
C LEU A 288 -6.62 -3.53 -5.68
N ALA A 289 -7.16 -2.97 -4.60
CA ALA A 289 -6.73 -3.32 -3.23
C ALA A 289 -5.23 -3.71 -3.11
N ILE A 290 -4.35 -2.76 -3.38
CA ILE A 290 -2.91 -3.11 -3.61
C ILE A 290 -2.13 -3.48 -2.36
N ALA A 291 -2.70 -3.14 -1.20
CA ALA A 291 -2.07 -3.48 0.05
C ALA A 291 -2.94 -4.50 0.79
N ASP A 292 -3.38 -5.56 0.11
CA ASP A 292 -4.41 -6.40 0.70
C ASP A 292 -4.02 -7.26 1.88
N ILE A 293 -2.72 -7.45 2.11
CA ILE A 293 -2.26 -8.19 3.30
C ILE A 293 -1.65 -7.25 4.36
N ALA A 294 -1.79 -5.93 4.18
CA ALA A 294 -1.30 -4.96 5.19
C ALA A 294 -2.39 -4.88 6.28
N GLY A 295 -2.71 -6.02 6.87
CA GLY A 295 -3.81 -6.14 7.82
C GLY A 295 -3.45 -7.22 8.84
N GLY A 296 -2.14 -7.46 9.05
CA GLY A 296 -1.68 -8.44 10.09
C GLY A 296 -1.86 -7.97 11.54
N ARG A 297 -2.28 -8.91 12.41
CA ARG A 297 -2.61 -8.60 13.80
C ARG A 297 -2.33 -9.85 14.61
N VAL A 298 -2.15 -9.67 15.92
CA VAL A 298 -2.10 -10.78 16.86
C VAL A 298 -3.08 -10.52 17.99
N ALA A 299 -3.88 -11.51 18.34
CA ALA A 299 -4.83 -11.32 19.43
C ALA A 299 -4.08 -11.35 20.74
N THR A 300 -4.36 -10.39 21.61
CA THR A 300 -3.80 -10.33 22.98
C THR A 300 -4.78 -10.88 24.02
N ALA A 301 -5.96 -11.26 23.56
CA ALA A 301 -7.05 -11.78 24.40
C ALA A 301 -7.99 -12.53 23.46
N ASP A 302 -8.81 -13.44 24.01
CA ASP A 302 -9.76 -14.21 23.20
C ASP A 302 -10.79 -13.27 22.61
N ILE A 303 -11.22 -13.53 21.39
CA ILE A 303 -12.19 -12.67 20.71
C ILE A 303 -13.18 -13.60 20.08
N GLU A 304 -14.44 -13.45 20.42
CA GLU A 304 -15.46 -14.25 19.77
C GLU A 304 -15.99 -13.49 18.55
N VAL A 305 -16.05 -14.19 17.42
CA VAL A 305 -16.52 -13.58 16.18
C VAL A 305 -17.62 -14.45 15.59
N GLU A 306 -18.86 -14.01 15.75
CA GLU A 306 -20.01 -14.73 15.20
C GLU A 306 -19.90 -16.25 15.43
N GLY A 307 -19.62 -16.64 16.67
CA GLY A 307 -19.52 -18.06 17.03
C GLY A 307 -18.21 -18.78 16.75
N GLN A 308 -17.25 -18.10 16.12
CA GLN A 308 -15.91 -18.65 16.02
C GLN A 308 -15.04 -17.95 17.07
N LEU A 309 -14.02 -18.64 17.61
CA LEU A 309 -13.14 -18.06 18.62
C LEU A 309 -11.74 -17.79 18.07
N ILE A 310 -11.30 -16.53 18.12
CA ILE A 310 -9.88 -16.26 17.89
C ILE A 310 -9.28 -16.31 19.27
N ARG A 311 -8.29 -17.17 19.49
CA ARG A 311 -7.72 -17.23 20.84
C ARG A 311 -6.59 -16.23 21.06
N ALA A 312 -6.41 -15.75 22.30
CA ALA A 312 -5.17 -15.04 22.64
C ALA A 312 -3.96 -15.78 22.04
N GLY A 313 -3.07 -15.06 21.37
CA GLY A 313 -1.85 -15.64 20.80
C GLY A 313 -1.90 -16.04 19.34
N GLU A 314 -3.09 -15.97 18.73
CA GLU A 314 -3.28 -16.39 17.35
C GLU A 314 -3.09 -15.21 16.38
N GLY A 315 -2.60 -15.52 15.20
CA GLY A 315 -2.40 -14.51 14.12
C GLY A 315 -3.68 -14.33 13.32
N VAL A 316 -3.98 -13.08 12.96
CA VAL A 316 -5.15 -12.79 12.13
C VAL A 316 -4.68 -11.86 11.01
N ILE A 317 -5.03 -12.15 9.76
CA ILE A 317 -4.81 -11.18 8.67
C ILE A 317 -6.14 -10.71 8.10
N VAL A 318 -6.36 -9.40 8.15
CA VAL A 318 -7.56 -8.81 7.62
C VAL A 318 -7.27 -8.52 6.16
N VAL A 319 -7.87 -9.30 5.25
CA VAL A 319 -7.49 -9.25 3.85
C VAL A 319 -8.46 -8.30 3.14
N ASN A 320 -8.02 -7.07 2.88
CA ASN A 320 -8.94 -6.07 2.41
C ASN A 320 -9.36 -6.25 0.96
N SER A 321 -8.61 -6.99 0.13
CA SER A 321 -9.05 -7.27 -1.23
C SER A 321 -10.31 -8.11 -1.20
N ILE A 322 -10.26 -9.20 -0.43
CA ILE A 322 -11.41 -10.07 -0.24
C ILE A 322 -12.60 -9.34 0.34
N ALA A 323 -12.35 -8.52 1.36
CA ALA A 323 -13.38 -7.76 2.05
C ALA A 323 -14.05 -6.75 1.12
N ASN A 324 -13.26 -6.19 0.21
CA ASN A 324 -13.77 -5.25 -0.78
C ASN A 324 -14.56 -5.91 -1.91
N ARG A 325 -14.60 -7.24 -1.93
CA ARG A 325 -15.38 -7.96 -2.93
C ARG A 325 -16.60 -8.65 -2.26
N ASP A 326 -17.04 -8.12 -1.12
CA ASP A 326 -18.18 -8.59 -0.37
C ASP A 326 -19.43 -8.07 -1.03
N GLY A 327 -20.12 -8.98 -1.72
CA GLY A 327 -21.37 -8.64 -2.42
C GLY A 327 -22.54 -8.16 -1.59
N THR A 328 -22.49 -8.34 -0.27
CA THR A 328 -23.48 -7.69 0.62
C THR A 328 -23.26 -6.19 0.79
N VAL A 329 -22.10 -5.69 0.32
CA VAL A 329 -21.80 -4.26 0.38
C VAL A 329 -21.73 -3.65 -0.99
N TYR A 330 -21.11 -4.35 -1.95
CA TYR A 330 -20.93 -3.84 -3.33
C TYR A 330 -21.62 -4.80 -4.29
N GLU A 331 -22.77 -4.41 -4.83
CA GLU A 331 -23.55 -5.26 -5.71
C GLU A 331 -22.70 -5.69 -6.93
N ASP A 332 -22.65 -6.98 -7.26
CA ASP A 332 -21.78 -7.46 -8.37
C ASP A 332 -20.32 -7.04 -8.07
N PRO A 333 -19.80 -7.51 -6.93
CA PRO A 333 -18.53 -6.99 -6.38
C PRO A 333 -17.34 -7.10 -7.33
N ASP A 334 -17.38 -8.09 -8.23
CA ASP A 334 -16.26 -8.29 -9.14
C ASP A 334 -16.35 -7.46 -10.41
N ALA A 335 -17.40 -6.64 -10.55
CA ALA A 335 -17.50 -5.78 -11.72
C ALA A 335 -16.85 -4.44 -11.41
N LEU A 336 -15.92 -4.00 -12.25
CA LEU A 336 -15.46 -2.60 -12.17
C LEU A 336 -16.61 -1.71 -12.58
N ASP A 337 -16.97 -0.75 -11.74
CA ASP A 337 -18.02 0.21 -12.09
C ASP A 337 -17.66 1.55 -11.53
N ILE A 338 -17.14 2.43 -12.38
CA ILE A 338 -16.62 3.70 -11.88
C ILE A 338 -17.73 4.62 -11.40
N HIS A 339 -18.99 4.25 -11.68
CA HIS A 339 -20.16 5.05 -11.23
C HIS A 339 -20.72 4.59 -9.94
N ARG A 340 -20.28 3.42 -9.47
CA ARG A 340 -20.88 2.84 -8.26
C ARG A 340 -20.45 3.65 -7.04
N SER A 341 -21.12 3.43 -5.92
CA SER A 341 -20.67 3.95 -4.66
C SER A 341 -19.64 2.97 -4.14
N ALA A 342 -18.38 3.37 -4.15
CA ALA A 342 -17.36 2.55 -3.53
C ALA A 342 -17.05 3.05 -2.11
N ARG A 343 -17.98 3.82 -1.55
N ARG A 343 -17.92 3.87 -1.55
CA ARG A 343 -17.93 4.20 -0.12
CA ARG A 343 -17.70 4.32 -0.18
C ARG A 343 -17.67 3.02 0.80
C ARG A 343 -17.70 3.13 0.80
N HIS A 344 -16.93 3.27 1.88
CA HIS A 344 -16.73 2.27 2.97
C HIS A 344 -15.73 1.17 2.59
N HIS A 345 -14.97 1.37 1.50
CA HIS A 345 -14.04 0.30 1.11
C HIS A 345 -12.89 0.27 2.12
N LEU A 346 -12.16 -0.85 2.12
CA LEU A 346 -11.12 -1.10 3.07
C LEU A 346 -9.71 -1.05 2.44
N ALA A 347 -9.57 -0.48 1.24
CA ALA A 347 -8.22 -0.42 0.66
C ALA A 347 -7.20 0.31 1.52
N PHE A 348 -7.67 1.26 2.35
CA PHE A 348 -6.82 2.05 3.26
C PHE A 348 -6.95 1.56 4.71
N GLY A 349 -7.55 0.40 4.93
CA GLY A 349 -7.79 -0.07 6.31
C GLY A 349 -8.99 0.65 6.97
N PHE A 350 -9.01 0.63 8.29
CA PHE A 350 -10.13 1.18 9.07
C PHE A 350 -9.59 1.31 10.51
N GLY A 351 -9.99 2.35 11.23
CA GLY A 351 -9.73 2.48 12.67
C GLY A 351 -8.45 3.26 12.90
N VAL A 352 -7.78 2.98 14.01
CA VAL A 352 -6.68 3.87 14.39
C VAL A 352 -5.51 3.90 13.41
N HIS A 353 -5.28 2.79 12.72
CA HIS A 353 -4.20 2.69 11.69
C HIS A 353 -4.66 2.97 10.27
N GLN A 354 -5.87 3.54 10.07
CA GLN A 354 -6.29 3.83 8.68
C GLN A 354 -5.23 4.72 8.00
N CYS A 355 -4.94 4.43 6.74
CA CYS A 355 -3.89 5.05 6.00
C CYS A 355 -3.71 6.55 6.27
N LEU A 356 -2.55 6.94 6.78
CA LEU A 356 -2.25 8.33 7.02
C LEU A 356 -2.17 9.11 5.69
N GLY A 357 -1.71 8.45 4.64
CA GLY A 357 -1.46 9.12 3.39
C GLY A 357 -2.67 9.13 2.46
N GLN A 358 -3.83 8.73 2.95
CA GLN A 358 -4.90 8.36 2.01
C GLN A 358 -5.34 9.56 1.18
N ASN A 359 -5.43 10.75 1.78
CA ASN A 359 -5.81 11.88 0.95
C ASN A 359 -4.75 12.42 -0.01
N LEU A 360 -3.48 12.27 0.35
CA LEU A 360 -2.39 12.49 -0.63
C LEU A 360 -2.47 11.49 -1.80
N ALA A 361 -2.73 10.21 -1.53
CA ALA A 361 -2.86 9.26 -2.61
C ALA A 361 -4.06 9.62 -3.51
N ARG A 362 -5.14 10.06 -2.89
CA ARG A 362 -6.34 10.43 -3.68
C ARG A 362 -6.07 11.59 -4.62
N LEU A 363 -5.39 12.61 -4.09
CA LEU A 363 -4.98 13.76 -4.92
C LEU A 363 -4.05 13.32 -6.06
N GLU A 364 -3.00 12.57 -5.71
CA GLU A 364 -2.06 12.11 -6.76
C GLU A 364 -2.76 11.33 -7.86
N LEU A 365 -3.62 10.39 -7.49
CA LEU A 365 -4.26 9.57 -8.53
C LEU A 365 -5.24 10.39 -9.38
N GLU A 366 -5.95 11.34 -8.75
CA GLU A 366 -6.88 12.21 -9.54
C GLU A 366 -6.03 13.01 -10.54
N VAL A 367 -4.95 13.62 -10.08
CA VAL A 367 -4.12 14.48 -10.96
C VAL A 367 -3.54 13.63 -12.10
N ILE A 368 -2.97 12.47 -11.72
CA ILE A 368 -2.42 11.47 -12.68
C ILE A 368 -3.43 11.05 -13.78
N LEU A 369 -4.66 10.70 -13.38
CA LEU A 369 -5.61 10.26 -14.40
C LEU A 369 -6.01 11.39 -15.27
N ASN A 370 -6.30 12.55 -14.70
CA ASN A 370 -6.59 13.69 -15.54
C ASN A 370 -5.49 14.03 -16.54
N ALA A 371 -4.23 13.95 -16.10
CA ALA A 371 -3.08 14.28 -16.94
C ALA A 371 -2.88 13.29 -18.07
N LEU A 372 -3.04 12.01 -17.78
CA LEU A 372 -2.93 10.98 -18.82
C LEU A 372 -4.01 11.16 -19.89
N MET A 373 -5.25 11.41 -19.46
CA MET A 373 -6.39 11.65 -20.35
C MET A 373 -6.21 12.92 -21.16
N ASP A 374 -5.63 13.95 -20.54
CA ASP A 374 -5.42 15.21 -21.21
C ASP A 374 -4.24 15.16 -22.17
N ARG A 375 -3.14 14.55 -21.74
CA ARG A 375 -1.87 14.69 -22.44
C ARG A 375 -1.59 13.52 -23.29
N VAL A 376 -2.10 12.34 -22.91
CA VAL A 376 -1.85 11.11 -23.66
C VAL A 376 -3.12 10.27 -23.93
N PRO A 377 -4.17 10.90 -24.56
CA PRO A 377 -5.44 10.17 -24.76
C PRO A 377 -5.27 8.90 -25.59
N THR A 378 -4.26 8.86 -26.45
CA THR A 378 -3.94 7.66 -27.23
C THR A 378 -3.09 6.60 -26.48
N LEU A 379 -2.77 6.80 -25.19
CA LEU A 379 -1.96 5.82 -24.47
C LEU A 379 -2.52 4.41 -24.57
N ARG A 380 -1.64 3.42 -24.77
CA ARG A 380 -2.09 2.02 -24.80
C ARG A 380 -0.92 1.14 -24.44
N LEU A 381 -1.19 -0.08 -24.02
CA LEU A 381 -0.12 -1.00 -23.67
C LEU A 381 0.63 -1.40 -24.93
N ALA A 382 1.95 -1.50 -24.80
CA ALA A 382 2.80 -1.83 -25.95
C ALA A 382 2.90 -3.34 -26.03
N VAL A 383 2.48 -4.05 -24.98
CA VAL A 383 2.46 -5.53 -24.94
C VAL A 383 1.09 -6.05 -24.44
N PRO A 384 0.77 -7.34 -24.71
CA PRO A 384 -0.48 -7.95 -24.17
C PRO A 384 -0.51 -8.09 -22.64
N VAL A 385 -1.70 -7.92 -22.04
CA VAL A 385 -1.87 -8.04 -20.57
C VAL A 385 -1.25 -9.31 -20.01
N GLU A 386 -1.55 -10.45 -20.64
CA GLU A 386 -0.97 -11.76 -20.28
C GLU A 386 0.55 -11.86 -20.30
N GLN A 387 1.22 -10.90 -20.94
CA GLN A 387 2.68 -10.92 -20.99
C GLN A 387 3.32 -10.20 -19.79
N LEU A 388 2.53 -9.42 -19.07
CA LEU A 388 3.01 -8.66 -17.93
C LEU A 388 3.33 -9.61 -16.78
N VAL A 389 4.30 -9.25 -15.97
CA VAL A 389 4.67 -10.07 -14.83
C VAL A 389 4.15 -9.42 -13.53
N LEU A 390 3.21 -10.09 -12.86
CA LEU A 390 2.58 -9.55 -11.65
C LEU A 390 3.45 -9.89 -10.45
N ARG A 391 3.66 -8.95 -9.51
CA ARG A 391 4.31 -9.27 -8.21
C ARG A 391 3.52 -10.34 -7.47
N PRO A 392 4.19 -11.12 -6.58
CA PRO A 392 3.51 -12.16 -5.79
C PRO A 392 2.64 -11.58 -4.66
N GLY A 393 1.82 -12.43 -4.04
CA GLY A 393 0.84 -11.97 -3.05
C GLY A 393 1.44 -11.59 -1.71
N THR A 394 2.76 -11.75 -1.58
CA THR A 394 3.49 -11.46 -0.36
C THR A 394 3.97 -10.03 -0.30
N THR A 395 3.74 -9.28 -1.35
CA THR A 395 4.18 -7.88 -1.33
C THR A 395 3.03 -6.96 -1.78
N ILE A 396 3.33 -5.67 -1.96
CA ILE A 396 2.35 -4.71 -2.46
C ILE A 396 2.06 -5.07 -3.93
N GLN A 397 0.77 -5.18 -4.30
CA GLN A 397 0.40 -5.71 -5.61
C GLN A 397 0.85 -4.76 -6.68
N GLY A 398 1.17 -5.31 -7.85
CA GLY A 398 1.48 -4.47 -8.98
C GLY A 398 2.38 -5.15 -9.98
N VAL A 399 2.96 -4.32 -10.86
CA VAL A 399 3.90 -4.79 -11.89
C VAL A 399 5.20 -3.98 -11.79
N ASN A 400 6.33 -4.65 -11.95
CA ASN A 400 7.61 -3.91 -12.00
C ASN A 400 7.93 -3.20 -13.28
N GLU A 401 7.36 -3.69 -14.40
CA GLU A 401 7.53 -3.05 -15.71
C GLU A 401 6.19 -2.91 -16.42
N LEU A 402 5.98 -1.81 -17.12
CA LEU A 402 4.76 -1.60 -17.91
C LEU A 402 5.00 -0.87 -19.25
N PRO A 403 5.30 -1.66 -20.31
CA PRO A 403 5.49 -1.07 -21.66
C PRO A 403 4.24 -0.41 -22.27
N VAL A 404 4.41 0.83 -22.72
CA VAL A 404 3.28 1.59 -23.22
C VAL A 404 3.71 2.31 -24.49
N THR A 405 2.72 2.65 -25.31
CA THR A 405 2.98 3.44 -26.50
C THR A 405 1.81 4.41 -26.69
N TRP A 406 1.95 5.35 -27.61
CA TRP A 406 0.97 6.39 -27.83
C TRP A 406 1.26 7.08 -29.18
N HIS A 407 0.50 8.13 -29.49
CA HIS A 407 0.72 8.95 -30.72
C HIS A 407 1.78 10.03 -30.51
#